data_5OL9
#
_entry.id   5OL9
#
_cell.length_a   47.670
_cell.length_b   47.670
_cell.length_c   93.400
_cell.angle_alpha   90.00
_cell.angle_beta   90.00
_cell.angle_gamma   90.00
#
_symmetry.space_group_name_H-M   'P 43 21 2'
#
loop_
_entity.id
_entity.type
_entity.pdbx_description
1 polymer 'Transcription elongation factor, mitochondrial'
2 non-polymer 'ACETATE ION'
3 water water
#
_entity_poly.entity_id   1
_entity_poly.type   'polypeptide(L)'
_entity_poly.pdbx_seq_one_letter_code
;MKSTTPKKITPNVTFCDENAKEPENALDKLFSSEQQASILHVLNTASTKELEAFRLLRGRRSINIVEHRENFGPFQNLES
LMNVPLFKYKSTVQVCNSILHHHHHH
;
_entity_poly.pdbx_strand_id   A
#
# COMPACT_ATOMS: atom_id res chain seq x y z
N PRO A 23 -12.71 -13.32 2.28
CA PRO A 23 -12.43 -11.92 1.93
C PRO A 23 -13.45 -10.98 2.53
N GLU A 24 -14.54 -11.54 3.08
CA GLU A 24 -15.50 -10.72 3.81
C GLU A 24 -14.85 -10.02 4.99
N ASN A 25 -13.80 -10.60 5.55
CA ASN A 25 -13.09 -10.02 6.67
C ASN A 25 -11.78 -9.35 6.23
N ALA A 26 -11.59 -9.19 4.94
CA ALA A 26 -10.35 -8.63 4.43
C ALA A 26 -10.26 -7.14 4.74
N LEU A 27 -9.02 -6.71 4.95
CA LEU A 27 -8.70 -5.29 5.05
C LEU A 27 -9.33 -4.50 3.91
N ASP A 28 -9.36 -5.09 2.72
CA ASP A 28 -9.89 -4.43 1.54
C ASP A 28 -11.34 -4.01 1.72
N LYS A 29 -12.10 -4.70 2.58
CA LYS A 29 -13.50 -4.36 2.75
C LYS A 29 -13.72 -3.03 3.45
N LEU A 30 -12.66 -2.44 4.01
CA LEU A 30 -12.75 -1.12 4.60
C LEU A 30 -12.76 -0.01 3.56
N PHE A 31 -12.59 -0.33 2.26
CA PHE A 31 -12.49 0.64 1.18
C PHE A 31 -13.47 0.28 0.09
N SER A 32 -13.96 1.29 -0.63
CA SER A 32 -14.75 0.99 -1.81
C SER A 32 -13.85 0.46 -2.92
N SER A 33 -14.45 -0.12 -3.97
CA SER A 33 -13.67 -0.63 -5.09
CA SER A 33 -13.67 -0.64 -5.08
C SER A 33 -12.83 0.47 -5.73
N GLU A 34 -13.41 1.65 -5.89
CA GLU A 34 -12.65 2.74 -6.50
C GLU A 34 -11.53 3.22 -5.60
N GLN A 35 -11.77 3.29 -4.28
CA GLN A 35 -10.71 3.68 -3.35
C GLN A 35 -9.58 2.67 -3.40
N GLN A 36 -9.92 1.39 -3.38
CA GLN A 36 -8.94 0.32 -3.47
C GLN A 36 -8.12 0.44 -4.74
N ALA A 37 -8.79 0.65 -5.87
CA ALA A 37 -8.05 0.78 -7.13
C ALA A 37 -7.07 1.93 -7.09
N SER A 38 -7.47 3.05 -6.49
CA SER A 38 -6.59 4.21 -6.48
CA SER A 38 -6.61 4.23 -6.43
CA SER A 38 -6.61 4.23 -6.44
C SER A 38 -5.35 3.94 -5.63
N ILE A 39 -5.52 3.26 -4.50
CA ILE A 39 -4.38 2.95 -3.65
C ILE A 39 -3.48 1.94 -4.35
N LEU A 40 -4.06 0.88 -4.92
CA LEU A 40 -3.26 -0.14 -5.59
C LEU A 40 -2.46 0.47 -6.73
N HIS A 41 -3.04 1.44 -7.44
CA HIS A 41 -2.32 2.05 -8.56
C HIS A 41 -1.02 2.66 -8.06
N VAL A 42 -1.08 3.37 -6.94
CA VAL A 42 0.12 4.00 -6.39
C VAL A 42 1.11 2.94 -5.94
N LEU A 43 0.64 1.93 -5.21
CA LEU A 43 1.53 0.90 -4.72
C LEU A 43 2.22 0.18 -5.87
N ASN A 44 1.59 0.12 -7.03
CA ASN A 44 2.11 -0.65 -8.14
C ASN A 44 2.94 0.16 -9.13
N THR A 45 2.94 1.48 -9.01
CA THR A 45 3.61 2.32 -9.99
C THR A 45 4.56 3.33 -9.40
N ALA A 46 4.43 3.70 -8.14
CA ALA A 46 5.25 4.78 -7.60
C ALA A 46 6.69 4.31 -7.37
N SER A 47 7.64 5.24 -7.56
CA SER A 47 9.02 5.00 -7.20
C SER A 47 9.21 5.08 -5.67
N THR A 48 10.37 4.63 -5.18
CA THR A 48 10.63 4.78 -3.75
C THR A 48 10.58 6.24 -3.34
N LYS A 49 11.11 7.14 -4.18
CA LYS A 49 11.07 8.57 -3.86
C LYS A 49 9.63 9.07 -3.75
N GLU A 50 8.78 8.68 -4.68
CA GLU A 50 7.37 9.07 -4.64
C GLU A 50 6.69 8.48 -3.42
N LEU A 51 6.98 7.23 -3.07
CA LEU A 51 6.36 6.64 -1.89
C LEU A 51 6.80 7.34 -0.62
N GLU A 52 8.04 7.82 -0.56
CA GLU A 52 8.51 8.47 0.65
C GLU A 52 7.84 9.80 0.91
N ALA A 53 7.10 10.33 -0.05
CA ALA A 53 6.25 11.49 0.22
C ALA A 53 5.13 11.18 1.20
N PHE A 54 4.74 9.92 1.34
CA PHE A 54 3.81 9.50 2.38
C PHE A 54 4.63 9.23 3.63
N ARG A 55 4.42 10.05 4.68
CA ARG A 55 5.31 10.04 5.83
C ARG A 55 5.53 8.65 6.42
N LEU A 56 4.47 7.84 6.50
CA LEU A 56 4.59 6.52 7.09
C LEU A 56 5.47 5.57 6.29
N LEU A 57 5.78 5.91 5.05
CA LEU A 57 6.59 5.05 4.21
C LEU A 57 8.03 5.50 4.13
N ARG A 58 8.41 6.58 4.81
CA ARG A 58 9.78 7.03 4.70
CA ARG A 58 9.78 7.03 4.69
C ARG A 58 10.71 5.96 5.23
N GLY A 59 11.81 5.75 4.51
CA GLY A 59 12.76 4.75 4.94
C GLY A 59 12.56 3.40 4.29
N ARG A 60 12.78 2.35 5.07
CA ARG A 60 12.78 1.00 4.51
C ARG A 60 11.44 0.57 3.92
N ARG A 61 10.30 1.03 4.46
CA ARG A 61 9.02 0.59 3.95
C ARG A 61 8.88 0.88 2.45
N SER A 62 9.35 2.03 2.00
CA SER A 62 9.21 2.36 0.59
CA SER A 62 9.24 2.38 0.58
C SER A 62 10.00 1.41 -0.30
N ILE A 63 11.27 1.14 0.06
CA ILE A 63 12.08 0.16 -0.65
C ILE A 63 11.40 -1.20 -0.63
N ASN A 64 10.83 -1.57 0.51
CA ASN A 64 10.20 -2.88 0.63
C ASN A 64 9.02 -3.05 -0.32
N ILE A 65 8.21 -2.01 -0.46
CA ILE A 65 7.08 -2.09 -1.37
C ILE A 65 7.56 -2.32 -2.78
N VAL A 66 8.55 -1.53 -3.22
CA VAL A 66 9.00 -1.61 -4.60
C VAL A 66 9.67 -2.96 -4.85
N GLU A 67 10.52 -3.44 -3.93
CA GLU A 67 11.18 -4.72 -4.14
C GLU A 67 10.20 -5.88 -4.08
N HIS A 68 9.22 -5.80 -3.18
CA HIS A 68 8.25 -6.88 -3.12
C HIS A 68 7.46 -6.97 -4.41
N ARG A 69 7.03 -5.84 -4.96
CA ARG A 69 6.26 -5.91 -6.19
C ARG A 69 7.11 -6.42 -7.34
N GLU A 70 8.43 -6.20 -7.31
CA GLU A 70 9.28 -6.72 -8.36
C GLU A 70 9.50 -8.23 -8.23
N ASN A 71 9.61 -8.76 -7.00
CA ASN A 71 9.88 -10.18 -6.84
C ASN A 71 8.64 -11.04 -6.78
N PHE A 72 7.51 -10.47 -6.39
CA PHE A 72 6.28 -11.21 -6.24
C PHE A 72 5.16 -10.71 -7.13
N GLY A 73 5.34 -9.56 -7.79
CA GLY A 73 4.34 -9.04 -8.69
C GLY A 73 3.52 -7.90 -8.11
N PRO A 74 2.77 -7.21 -8.96
CA PRO A 74 1.93 -6.11 -8.49
C PRO A 74 0.90 -6.57 -7.46
N PHE A 75 0.58 -5.68 -6.54
CA PHE A 75 -0.42 -5.97 -5.53
C PHE A 75 -1.80 -6.05 -6.19
N GLN A 76 -2.51 -7.15 -5.94
CA GLN A 76 -3.86 -7.36 -6.44
C GLN A 76 -4.92 -6.97 -5.41
N ASN A 77 -4.51 -6.76 -4.16
CA ASN A 77 -5.40 -6.37 -3.08
C ASN A 77 -4.53 -5.73 -2.01
N LEU A 78 -5.19 -5.01 -1.10
CA LEU A 78 -4.47 -4.29 -0.05
C LEU A 78 -4.01 -5.20 1.07
N GLU A 79 -4.77 -6.26 1.35
CA GLU A 79 -4.33 -7.21 2.37
C GLU A 79 -2.94 -7.75 2.08
N SER A 80 -2.58 -7.85 0.79
CA SER A 80 -1.27 -8.42 0.46
CA SER A 80 -1.26 -8.37 0.38
C SER A 80 -0.11 -7.56 0.93
N LEU A 81 -0.33 -6.30 1.30
CA LEU A 81 0.72 -5.51 1.93
C LEU A 81 1.20 -6.13 3.24
N MET A 82 0.38 -6.94 3.89
CA MET A 82 0.88 -7.58 5.11
CA MET A 82 0.80 -7.68 5.10
C MET A 82 1.93 -8.63 4.83
N ASN A 83 2.17 -8.97 3.57
CA ASN A 83 3.25 -9.88 3.21
C ASN A 83 4.59 -9.18 3.10
N VAL A 84 4.60 -7.87 3.27
CA VAL A 84 5.78 -7.07 3.09
C VAL A 84 6.38 -6.79 4.47
N PRO A 85 7.67 -7.03 4.67
CA PRO A 85 8.28 -6.69 5.97
C PRO A 85 8.03 -5.25 6.35
N LEU A 86 7.79 -5.03 7.64
CA LEU A 86 7.52 -3.74 8.28
C LEU A 86 6.07 -3.30 8.13
N PHE A 87 5.20 -4.14 7.59
CA PHE A 87 3.77 -3.86 7.54
C PHE A 87 3.05 -4.85 8.43
N LYS A 88 2.11 -4.35 9.21
CA LYS A 88 1.20 -5.17 10.00
C LYS A 88 -0.21 -4.72 9.62
N TYR A 89 -1.23 -5.28 10.28
CA TYR A 89 -2.59 -4.89 9.92
C TYR A 89 -2.83 -3.40 10.15
N LYS A 90 -2.55 -2.92 11.35
CA LYS A 90 -2.85 -1.53 11.67
C LYS A 90 -2.06 -0.58 10.79
N SER A 91 -0.77 -0.83 10.65
CA SER A 91 0.05 0.03 9.82
C SER A 91 -0.36 -0.04 8.35
N THR A 92 -0.79 -1.20 7.88
CA THR A 92 -1.28 -1.27 6.51
C THR A 92 -2.49 -0.37 6.32
N VAL A 93 -3.44 -0.39 7.26
CA VAL A 93 -4.62 0.46 7.14
C VAL A 93 -4.22 1.92 7.12
N GLN A 94 -3.29 2.29 8.00
CA GLN A 94 -2.89 3.68 8.10
C GLN A 94 -2.17 4.15 6.83
N VAL A 95 -1.29 3.30 6.28
CA VAL A 95 -0.63 3.62 5.01
C VAL A 95 -1.66 3.80 3.91
N CYS A 96 -2.62 2.88 3.82
CA CYS A 96 -3.59 2.95 2.73
C CYS A 96 -4.43 4.21 2.87
N ASN A 97 -4.79 4.57 4.10
CA ASN A 97 -5.58 5.77 4.30
C ASN A 97 -4.80 7.00 3.85
N SER A 98 -3.50 7.02 4.10
CA SER A 98 -2.69 8.15 3.68
CA SER A 98 -2.70 8.16 3.68
CA SER A 98 -2.68 8.15 3.68
C SER A 98 -2.56 8.22 2.16
N ILE A 99 -2.36 7.08 1.50
CA ILE A 99 -2.23 7.09 0.05
C ILE A 99 -3.54 7.54 -0.59
N LEU A 100 -4.65 7.07 -0.03
CA LEU A 100 -5.94 7.42 -0.57
C LEU A 100 -6.13 8.93 -0.64
N HIS A 101 -5.65 9.66 0.35
CA HIS A 101 -5.94 11.09 0.43
C HIS A 101 -4.91 11.96 -0.24
N HIS A 102 -3.70 11.46 -0.47
CA HIS A 102 -2.59 12.34 -0.82
C HIS A 102 -1.92 11.92 -2.12
N HIS A 103 -2.49 10.97 -2.85
CA HIS A 103 -1.96 10.62 -4.15
C HIS A 103 -2.36 11.66 -5.19
#